data_4IO1
#
_entry.id   4IO1
#
_cell.length_a   36.281
_cell.length_b   85.765
_cell.length_c   70.634
_cell.angle_alpha   90.00
_cell.angle_beta   94.52
_cell.angle_gamma   90.00
#
_symmetry.space_group_name_H-M   'P 1 21 1'
#
loop_
_entity.id
_entity.type
_entity.pdbx_description
1 polymer 'Ribose-5-phosphate isomerase A'
2 non-polymer 'CHLORIDE ION'
3 non-polymer 'BROMIDE ION'
4 non-polymer 'PHOSPHATE ION'
5 non-polymer 'TETRAETHYLENE GLYCOL'
6 water water
#
_entity_poly.entity_id   1
_entity_poly.type   'polypeptide(L)'
_entity_poly.pdbx_seq_one_letter_code
;MFFNKKNNQDELKKLAATEAAKSITTEITLGVGTGSTVGFLIEELVNYRDKIKTVVSSSEDSTRKLKALGFDVVDLNYAG
EIDLYIDGADECNNHKELIKGGGAALTREKICVAAAKKFICIIDESKKVNTLGNFPLPIEVIPMARSYIARQIVKLGGQP
VYREQTITDNGNVILDVYNLKIDNPLKLETELNQITGVVTNGIFALKPADTVIMATKDSNIVVL
;
_entity_poly.pdbx_strand_id   A,B
#
# COMPACT_ATOMS: atom_id res chain seq x y z
N ASN A 7 32.41 13.96 -11.23
CA ASN A 7 33.05 12.91 -10.41
C ASN A 7 33.53 13.45 -9.06
N ASN A 8 33.47 14.77 -8.86
CA ASN A 8 33.61 15.26 -7.49
C ASN A 8 32.42 14.85 -6.63
N GLN A 9 31.22 14.94 -7.19
CA GLN A 9 30.05 14.45 -6.48
C GLN A 9 30.28 12.99 -6.07
N ASP A 10 30.84 12.17 -6.94
CA ASP A 10 31.09 10.78 -6.56
C ASP A 10 32.10 10.71 -5.39
N GLU A 11 33.08 11.60 -5.36
CA GLU A 11 34.01 11.62 -4.23
C GLU A 11 33.27 11.97 -2.95
N LEU A 12 32.33 12.91 -3.04
CA LEU A 12 31.54 13.31 -1.88
C LEU A 12 30.70 12.13 -1.41
N LYS A 13 30.09 11.42 -2.38
CA LYS A 13 29.27 10.31 -2.04
C LYS A 13 30.08 9.24 -1.31
N LYS A 14 31.25 8.94 -1.81
CA LYS A 14 32.16 7.98 -1.15
C LYS A 14 32.53 8.41 0.27
N LEU A 15 32.78 9.70 0.47
CA LEU A 15 33.16 10.17 1.81
C LEU A 15 32.03 9.97 2.80
N ALA A 16 30.81 10.27 2.36
CA ALA A 16 29.64 10.12 3.26
C ALA A 16 29.46 8.63 3.61
N ALA A 17 29.56 7.80 2.59
CA ALA A 17 29.39 6.38 2.79
C ALA A 17 30.42 5.75 3.74
N THR A 18 31.68 6.14 3.54
N THR A 18 31.68 6.14 3.59
CA THR A 18 32.79 5.66 4.36
CA THR A 18 32.74 5.55 4.41
C THR A 18 32.54 6.02 5.82
C THR A 18 32.69 6.06 5.84
N GLU A 19 32.17 7.27 6.04
CA GLU A 19 31.94 7.77 7.36
C GLU A 19 30.81 7.02 8.06
N ALA A 20 29.73 6.74 7.32
CA ALA A 20 28.61 5.99 7.90
C ALA A 20 29.01 4.59 8.34
N ALA A 21 29.87 3.94 7.56
CA ALA A 21 30.26 2.58 7.83
C ALA A 21 31.00 2.51 9.19
N LYS A 22 31.59 3.63 9.61
CA LYS A 22 32.25 3.65 10.92
C LYS A 22 31.31 3.40 12.10
N SER A 23 30.00 3.55 11.87
CA SER A 23 29.02 3.24 12.88
C SER A 23 28.85 1.74 13.10
N ILE A 24 29.44 0.91 12.23
CA ILE A 24 29.41 -0.54 12.43
C ILE A 24 30.54 -0.90 13.42
N THR A 25 30.18 -0.94 14.71
CA THR A 25 31.18 -1.03 15.81
C THR A 25 30.98 -2.29 16.63
N THR A 26 29.92 -3.03 16.34
CA THR A 26 29.61 -4.28 17.02
C THR A 26 28.91 -5.24 16.06
N GLU A 27 28.68 -6.48 16.48
CA GLU A 27 28.01 -7.48 15.64
C GLU A 27 26.55 -7.06 15.46
N ILE A 28 26.11 -6.90 14.20
CA ILE A 28 24.78 -6.37 13.98
C ILE A 28 24.07 -7.06 12.81
N THR A 29 22.74 -6.88 12.78
CA THR A 29 21.94 -7.02 11.58
C THR A 29 21.93 -5.66 10.91
N LEU A 30 22.55 -5.61 9.74
CA LEU A 30 22.68 -4.41 8.98
C LEU A 30 21.66 -4.43 7.85
N GLY A 31 20.98 -3.31 7.68
CA GLY A 31 20.08 -3.11 6.55
C GLY A 31 20.73 -2.15 5.56
N VAL A 32 20.60 -2.47 4.25
CA VAL A 32 21.28 -1.71 3.20
C VAL A 32 20.27 -1.05 2.27
N GLY A 33 20.49 0.22 2.02
CA GLY A 33 19.63 1.04 1.16
C GLY A 33 19.85 0.73 -0.31
N THR A 34 19.54 1.72 -1.17
CA THR A 34 19.60 1.54 -2.63
C THR A 34 20.10 2.86 -3.23
N GLY A 35 20.84 2.77 -4.34
CA GLY A 35 21.26 3.97 -5.08
C GLY A 35 22.74 4.13 -5.19
N SER A 36 23.15 5.24 -5.79
CA SER A 36 24.55 5.40 -6.15
C SER A 36 25.40 5.64 -4.92
N THR A 37 24.88 6.41 -3.97
CA THR A 37 25.65 6.69 -2.73
C THR A 37 25.83 5.39 -1.92
N VAL A 38 24.76 4.59 -1.83
CA VAL A 38 24.80 3.30 -1.17
C VAL A 38 25.74 2.32 -1.86
N GLY A 39 25.92 2.48 -3.16
CA GLY A 39 26.85 1.62 -3.88
C GLY A 39 28.22 1.75 -3.29
N PHE A 40 28.62 2.98 -2.93
CA PHE A 40 29.93 3.19 -2.38
C PHE A 40 29.97 2.58 -0.96
N LEU A 41 28.87 2.67 -0.20
CA LEU A 41 28.77 1.99 1.09
C LEU A 41 28.99 0.51 0.97
N ILE A 42 28.34 -0.10 -0.01
CA ILE A 42 28.44 -1.54 -0.14
C ILE A 42 29.90 -1.95 -0.40
N GLU A 43 30.63 -1.17 -1.20
CA GLU A 43 32.05 -1.46 -1.44
C GLU A 43 32.85 -1.42 -0.14
N GLU A 44 32.49 -0.51 0.72
CA GLU A 44 33.20 -0.32 1.99
C GLU A 44 32.90 -1.44 2.97
N LEU A 45 31.78 -2.14 2.81
CA LEU A 45 31.36 -3.17 3.81
C LEU A 45 32.33 -4.35 3.90
N VAL A 46 33.14 -4.54 2.88
CA VAL A 46 34.08 -5.63 2.87
C VAL A 46 35.05 -5.48 4.05
N ASN A 47 35.25 -4.26 4.49
CA ASN A 47 36.19 -4.03 5.59
C ASN A 47 35.54 -4.24 6.96
N TYR A 48 34.26 -4.54 6.98
CA TYR A 48 33.49 -4.72 8.22
C TYR A 48 32.80 -6.09 8.28
N ARG A 49 33.28 -6.97 7.42
N ARG A 49 33.19 -7.03 7.43
CA ARG A 49 32.63 -8.24 7.15
CA ARG A 49 32.47 -8.32 7.38
C ARG A 49 32.37 -9.08 8.40
C ARG A 49 32.45 -8.99 8.76
N ASP A 50 33.29 -9.02 9.36
N ASP A 50 33.57 -8.85 9.47
CA ASP A 50 33.18 -9.78 10.61
CA ASP A 50 33.69 -9.29 10.86
C ASP A 50 32.16 -9.22 11.62
C ASP A 50 32.41 -9.08 11.69
N LYS A 51 31.72 -7.98 11.45
CA LYS A 51 30.68 -7.47 12.34
C LYS A 51 29.28 -7.58 11.75
N ILE A 52 29.22 -7.92 10.48
CA ILE A 52 27.93 -7.93 9.80
C ILE A 52 27.42 -9.36 9.81
N LYS A 53 26.65 -9.73 10.84
CA LYS A 53 26.16 -11.09 11.02
C LYS A 53 25.04 -11.45 10.06
N THR A 54 24.20 -10.44 9.77
CA THR A 54 23.04 -10.61 8.91
C THR A 54 22.87 -9.32 8.10
N VAL A 55 22.61 -9.45 6.81
CA VAL A 55 22.35 -8.31 5.93
C VAL A 55 20.95 -8.46 5.40
N VAL A 56 20.18 -7.40 5.52
CA VAL A 56 18.87 -7.25 4.88
C VAL A 56 18.99 -6.18 3.82
N SER A 57 18.41 -6.45 2.65
CA SER A 57 18.50 -5.55 1.52
C SER A 57 17.16 -4.92 1.15
N SER A 58 17.21 -3.65 0.80
CA SER A 58 16.05 -2.94 0.35
C SER A 58 15.76 -3.05 -1.13
N SER A 59 16.59 -3.74 -1.91
CA SER A 59 16.30 -3.88 -3.33
C SER A 59 17.03 -5.02 -3.98
N GLU A 60 16.48 -5.55 -5.06
N GLU A 60 16.42 -5.49 -5.05
CA GLU A 60 17.24 -6.56 -5.80
CA GLU A 60 17.04 -6.47 -5.91
C GLU A 60 18.49 -5.93 -6.40
C GLU A 60 18.37 -5.96 -6.44
N ASP A 61 18.42 -4.65 -6.75
CA ASP A 61 19.66 -3.98 -7.18
C ASP A 61 20.78 -4.07 -6.13
N SER A 62 20.49 -3.70 -4.89
CA SER A 62 21.49 -3.77 -3.85
C SER A 62 21.90 -5.18 -3.54
N THR A 63 20.94 -6.08 -3.60
CA THR A 63 21.23 -7.49 -3.38
C THR A 63 22.25 -8.03 -4.42
N ARG A 64 22.11 -7.67 -5.70
CA ARG A 64 23.15 -8.02 -6.69
C ARG A 64 24.52 -7.54 -6.34
N LYS A 65 24.62 -6.28 -5.86
CA LYS A 65 25.87 -5.71 -5.56
C LYS A 65 26.50 -6.33 -4.32
N LEU A 66 25.67 -6.68 -3.37
CA LEU A 66 26.11 -7.33 -2.15
C LEU A 66 26.63 -8.71 -2.48
N LYS A 67 25.92 -9.44 -3.31
CA LYS A 67 26.35 -10.79 -3.65
C LYS A 67 27.65 -10.80 -4.47
N ALA A 68 27.82 -9.78 -5.32
CA ALA A 68 29.03 -9.67 -6.11
C ALA A 68 30.26 -9.57 -5.20
N LEU A 69 30.05 -9.08 -3.98
CA LEU A 69 31.13 -8.94 -3.00
C LEU A 69 31.06 -10.03 -1.91
N GLY A 70 30.29 -11.05 -2.19
CA GLY A 70 30.25 -12.25 -1.37
C GLY A 70 29.45 -12.20 -0.08
N PHE A 71 28.56 -11.22 0.03
CA PHE A 71 27.61 -11.17 1.10
C PHE A 71 26.36 -11.99 0.81
N ASP A 72 25.91 -12.67 1.85
CA ASP A 72 24.65 -13.38 1.88
C ASP A 72 23.62 -12.38 2.32
N VAL A 73 22.44 -12.45 1.74
CA VAL A 73 21.35 -11.58 2.07
C VAL A 73 20.20 -12.40 2.63
N VAL A 74 19.57 -11.94 3.70
CA VAL A 74 18.52 -12.67 4.44
C VAL A 74 17.21 -11.89 4.41
N ASP A 75 16.10 -12.60 4.19
CA ASP A 75 14.78 -11.99 4.16
C ASP A 75 14.47 -11.34 5.53
N LEU A 76 13.86 -10.16 5.50
CA LEU A 76 13.57 -9.45 6.77
C LEU A 76 12.76 -10.28 7.77
N ASN A 77 11.88 -11.16 7.30
CA ASN A 77 11.05 -11.92 8.20
C ASN A 77 11.87 -12.88 9.04
N TYR A 78 12.98 -13.36 8.49
CA TYR A 78 13.89 -14.21 9.22
C TYR A 78 14.84 -13.39 10.09
N ALA A 79 15.26 -12.26 9.57
CA ALA A 79 16.18 -11.39 10.29
C ALA A 79 15.57 -10.80 11.56
N GLY A 80 14.29 -10.49 11.53
CA GLY A 80 13.63 -9.80 12.66
C GLY A 80 13.73 -8.29 12.58
N GLU A 81 14.49 -7.73 13.50
CA GLU A 81 14.72 -6.30 13.56
C GLU A 81 16.09 -5.98 12.99
N ILE A 82 16.21 -4.83 12.35
CA ILE A 82 17.49 -4.34 11.83
C ILE A 82 18.12 -3.45 12.93
N ASP A 83 19.41 -3.61 13.22
CA ASP A 83 20.03 -2.73 14.19
C ASP A 83 20.35 -1.37 13.58
N LEU A 84 20.90 -1.41 12.37
CA LEU A 84 21.36 -0.21 11.70
C LEU A 84 21.02 -0.33 10.22
N TYR A 85 20.30 0.67 9.72
CA TYR A 85 19.92 0.76 8.29
C TYR A 85 20.59 2.02 7.75
N ILE A 86 21.29 1.88 6.62
CA ILE A 86 22.05 2.95 5.99
C ILE A 86 21.52 3.10 4.57
N ASP A 87 21.10 4.32 4.21
CA ASP A 87 20.49 4.57 2.87
C ASP A 87 20.71 6.04 2.50
N GLY A 88 20.50 6.32 1.21
CA GLY A 88 20.58 7.66 0.71
C GLY A 88 19.20 8.32 0.65
N ALA A 89 19.12 9.45 -0.03
CA ALA A 89 17.86 10.16 -0.19
C ALA A 89 17.98 11.06 -1.41
N ASP A 90 16.82 11.41 -1.98
CA ASP A 90 16.77 12.39 -3.04
C ASP A 90 16.74 13.82 -2.49
N GLU A 91 16.14 14.03 -1.33
CA GLU A 91 16.17 15.33 -0.65
C GLU A 91 16.14 15.10 0.83
N CYS A 92 16.71 16.03 1.58
CA CYS A 92 16.73 15.99 3.04
C CYS A 92 16.62 17.42 3.53
N ASN A 93 15.68 17.67 4.42
CA ASN A 93 15.47 19.02 4.99
C ASN A 93 16.22 19.19 6.30
N ASN A 94 15.96 20.28 7.04
CA ASN A 94 16.65 20.54 8.27
C ASN A 94 16.23 19.68 9.45
N HIS A 95 15.16 18.91 9.27
CA HIS A 95 14.65 18.06 10.34
C HIS A 95 14.82 16.58 10.04
N LYS A 96 15.76 16.27 9.13
CA LYS A 96 16.08 14.89 8.75
C LYS A 96 14.89 14.15 8.16
N GLU A 97 13.95 14.91 7.61
CA GLU A 97 12.86 14.35 6.81
C GLU A 97 13.27 14.33 5.38
N LEU A 98 12.87 13.29 4.66
CA LEU A 98 13.42 12.97 3.36
C LEU A 98 12.37 12.78 2.28
N ILE A 99 12.80 13.00 1.03
CA ILE A 99 12.11 12.41 -0.12
C ILE A 99 12.99 11.34 -0.70
N LYS A 100 12.36 10.18 -0.99
CA LYS A 100 13.07 9.03 -1.51
C LYS A 100 12.23 8.36 -2.59
N GLY A 101 12.88 7.50 -3.36
CA GLY A 101 12.21 6.70 -4.40
C GLY A 101 12.61 7.08 -5.81
N GLY A 102 13.64 7.91 -5.94
CA GLY A 102 14.09 8.24 -7.30
C GLY A 102 14.55 6.99 -8.05
N GLY A 103 15.00 5.98 -7.32
CA GLY A 103 15.36 4.68 -7.94
C GLY A 103 14.33 3.56 -7.85
N ALA A 104 13.12 3.96 -7.52
CA ALA A 104 11.98 3.11 -7.43
C ALA A 104 11.92 2.03 -6.35
N ALA A 105 12.76 2.12 -5.33
CA ALA A 105 12.80 1.14 -4.27
C ALA A 105 12.21 1.64 -2.95
N LEU A 106 11.41 2.68 -3.01
CA LEU A 106 10.95 3.36 -1.79
C LEU A 106 10.18 2.42 -0.85
N THR A 107 9.43 1.46 -1.39
CA THR A 107 8.62 0.60 -0.52
C THR A 107 9.46 -0.27 0.43
N ARG A 108 10.39 -1.03 -0.12
CA ARG A 108 11.27 -1.87 0.73
C ARG A 108 12.19 -1.01 1.62
N GLU A 109 12.61 0.13 1.09
CA GLU A 109 13.36 1.08 1.90
C GLU A 109 12.57 1.50 3.12
N LYS A 110 11.31 1.92 2.92
CA LYS A 110 10.54 2.42 4.03
C LYS A 110 10.24 1.31 5.07
N ILE A 111 10.06 0.09 4.57
CA ILE A 111 9.90 -1.07 5.44
C ILE A 111 11.14 -1.31 6.28
N CYS A 112 12.33 -1.21 5.67
CA CYS A 112 13.55 -1.38 6.43
C CYS A 112 13.69 -0.30 7.50
N VAL A 113 13.39 0.95 7.14
CA VAL A 113 13.45 2.06 8.13
C VAL A 113 12.52 1.73 9.31
N ALA A 114 11.30 1.25 8.98
CA ALA A 114 10.29 0.99 10.00
C ALA A 114 10.79 -0.09 10.99
N ALA A 115 11.51 -1.07 10.46
CA ALA A 115 12.04 -2.20 11.23
C ALA A 115 13.41 -1.97 11.83
N ALA A 116 13.95 -0.76 11.71
CA ALA A 116 15.30 -0.46 12.15
C ALA A 116 15.33 0.31 13.45
N LYS A 117 16.31 -0.04 14.26
CA LYS A 117 16.53 0.68 15.49
C LYS A 117 17.15 2.01 15.25
N LYS A 118 18.01 2.10 14.23
CA LYS A 118 18.70 3.33 13.89
C LYS A 118 18.85 3.42 12.37
N PHE A 119 18.49 4.58 11.84
CA PHE A 119 18.60 4.87 10.40
C PHE A 119 19.54 6.03 10.16
N ILE A 120 20.66 5.72 9.51
CA ILE A 120 21.61 6.71 9.04
C ILE A 120 21.37 6.99 7.55
N CYS A 121 21.15 8.26 7.23
CA CYS A 121 21.01 8.69 5.86
C CYS A 121 22.30 9.34 5.38
N ILE A 122 22.76 8.88 4.24
CA ILE A 122 24.00 9.37 3.63
C ILE A 122 23.72 10.14 2.34
N ILE A 123 24.21 11.38 2.32
CA ILE A 123 24.02 12.29 1.20
C ILE A 123 25.26 13.14 0.90
N ASP A 124 25.34 13.63 -0.34
CA ASP A 124 26.21 14.76 -0.66
C ASP A 124 25.34 16.01 -0.58
N GLU A 125 25.99 17.15 -0.46
CA GLU A 125 25.30 18.41 -0.20
C GLU A 125 24.24 18.81 -1.23
N SER A 126 24.26 18.22 -2.42
CA SER A 126 23.28 18.60 -3.43
C SER A 126 21.88 18.16 -3.02
N LYS A 127 21.82 17.20 -2.09
CA LYS A 127 20.53 16.66 -1.58
C LYS A 127 19.88 17.49 -0.47
N LYS A 128 20.65 18.37 0.13
CA LYS A 128 20.19 19.15 1.28
C LYS A 128 19.41 20.38 0.90
N VAL A 129 18.20 20.49 1.44
CA VAL A 129 17.32 21.59 1.11
C VAL A 129 16.75 22.22 2.35
N ASN A 130 16.24 23.43 2.21
CA ASN A 130 15.58 24.06 3.31
C ASN A 130 14.14 23.64 3.39
N THR A 131 13.53 23.34 2.24
CA THR A 131 12.14 22.96 2.21
C THR A 131 12.01 21.78 1.28
N LEU A 132 11.42 20.67 1.74
CA LEU A 132 11.21 19.54 0.81
C LEU A 132 10.28 19.99 -0.31
N GLY A 133 10.50 19.44 -1.50
CA GLY A 133 9.61 19.80 -2.61
C GLY A 133 10.33 20.13 -3.90
N ASN A 134 11.65 20.08 -3.92
CA ASN A 134 12.33 20.45 -5.16
C ASN A 134 12.58 19.26 -6.07
N PHE A 135 12.17 18.08 -5.63
CA PHE A 135 12.36 16.84 -6.38
C PHE A 135 10.96 16.23 -6.53
N PRO A 136 10.57 15.74 -7.71
CA PRO A 136 9.25 15.20 -7.82
C PRO A 136 9.04 14.03 -6.84
N LEU A 137 7.84 13.92 -6.29
CA LEU A 137 7.60 12.94 -5.20
C LEU A 137 7.20 11.57 -5.78
N PRO A 138 8.03 10.55 -5.56
CA PRO A 138 7.62 9.24 -6.07
C PRO A 138 6.55 8.60 -5.21
N ILE A 139 5.64 7.88 -5.86
CA ILE A 139 4.59 7.14 -5.15
C ILE A 139 4.44 5.80 -5.88
N GLU A 140 4.57 4.71 -5.12
CA GLU A 140 4.39 3.36 -5.68
C GLU A 140 2.91 3.03 -5.61
N VAL A 141 2.33 2.57 -6.71
CA VAL A 141 0.91 2.35 -6.79
C VAL A 141 0.59 0.99 -7.44
N ILE A 142 -0.50 0.43 -6.98
CA ILE A 142 -1.06 -0.78 -7.58
C ILE A 142 -1.48 -0.45 -9.00
N PRO A 143 -1.03 -1.27 -9.96
CA PRO A 143 -1.25 -0.81 -11.34
C PRO A 143 -2.70 -0.54 -11.71
N MET A 144 -3.64 -1.38 -11.26
CA MET A 144 -5.05 -1.16 -11.58
C MET A 144 -5.61 0.16 -11.04
N ALA A 145 -4.94 0.76 -10.04
CA ALA A 145 -5.41 1.97 -9.42
C ALA A 145 -4.74 3.20 -10.03
N ARG A 146 -3.84 2.99 -11.00
CA ARG A 146 -3.02 4.10 -11.50
C ARG A 146 -3.83 5.37 -11.89
N SER A 147 -4.82 5.21 -12.77
N SER A 147 -4.82 5.24 -12.77
CA SER A 147 -5.61 6.37 -13.21
CA SER A 147 -5.57 6.41 -13.21
C SER A 147 -6.42 7.01 -12.09
C SER A 147 -6.43 7.02 -12.10
N TYR A 148 -6.97 6.18 -11.21
CA TYR A 148 -7.76 6.65 -10.09
C TYR A 148 -6.89 7.52 -9.18
N ILE A 149 -5.67 7.04 -8.90
CA ILE A 149 -4.82 7.75 -7.96
C ILE A 149 -4.38 9.06 -8.61
N ALA A 150 -4.05 9.02 -9.89
CA ALA A 150 -3.67 10.26 -10.63
C ALA A 150 -4.79 11.30 -10.53
N ARG A 151 -6.06 10.91 -10.68
CA ARG A 151 -7.16 11.86 -10.49
C ARG A 151 -7.15 12.44 -9.09
N GLN A 152 -6.90 11.60 -8.08
CA GLN A 152 -6.87 12.09 -6.72
C GLN A 152 -5.71 13.04 -6.50
N ILE A 153 -4.55 12.74 -7.10
CA ILE A 153 -3.39 13.64 -6.95
C ILE A 153 -3.67 15.03 -7.59
N VAL A 154 -4.30 15.03 -8.76
CA VAL A 154 -4.73 16.28 -9.36
C VAL A 154 -5.65 17.10 -8.42
N LYS A 155 -6.60 16.43 -7.78
CA LYS A 155 -7.50 17.10 -6.85
C LYS A 155 -6.73 17.72 -5.70
N LEU A 156 -5.64 17.07 -5.30
CA LEU A 156 -4.78 17.56 -4.23
C LEU A 156 -3.89 18.70 -4.65
N GLY A 157 -3.81 18.97 -5.95
CA GLY A 157 -2.99 20.05 -6.45
C GLY A 157 -1.65 19.64 -7.02
N GLY A 158 -1.46 18.36 -7.31
CA GLY A 158 -0.18 17.92 -7.92
C GLY A 158 -0.39 17.51 -9.37
N GLN A 159 0.70 17.22 -10.04
CA GLN A 159 0.68 16.78 -11.45
C GLN A 159 1.38 15.42 -11.48
N PRO A 160 0.58 14.35 -11.58
CA PRO A 160 1.12 12.98 -11.52
C PRO A 160 1.61 12.59 -12.90
N VAL A 161 2.83 12.07 -12.96
CA VAL A 161 3.41 11.58 -14.19
C VAL A 161 3.83 10.13 -14.03
N TYR A 162 3.23 9.25 -14.81
CA TYR A 162 3.64 7.88 -14.81
C TYR A 162 5.08 7.74 -15.25
N ARG A 163 5.86 6.98 -14.48
CA ARG A 163 7.27 6.71 -14.78
C ARG A 163 7.39 5.56 -15.78
N GLU A 164 7.74 5.91 -17.01
CA GLU A 164 7.74 4.94 -18.09
C GLU A 164 8.81 3.88 -17.85
N GLN A 165 8.50 2.67 -18.29
CA GLN A 165 9.50 1.61 -18.33
C GLN A 165 10.03 1.25 -16.95
N THR A 166 9.22 1.44 -15.93
CA THR A 166 9.63 1.11 -14.59
C THR A 166 8.60 0.22 -13.94
N ILE A 167 9.05 -0.93 -13.45
CA ILE A 167 8.27 -1.83 -12.63
C ILE A 167 9.12 -2.08 -11.36
N THR A 168 8.51 -1.88 -10.20
CA THR A 168 9.23 -2.05 -8.97
C THR A 168 9.48 -3.52 -8.66
N ASP A 169 10.39 -3.77 -7.68
CA ASP A 169 10.63 -5.13 -7.21
C ASP A 169 9.37 -5.83 -6.73
N ASN A 170 8.34 -5.05 -6.40
CA ASN A 170 7.12 -5.60 -5.89
C ASN A 170 6.04 -5.81 -6.98
N GLY A 171 6.38 -5.42 -8.20
CA GLY A 171 5.50 -5.63 -9.37
C GLY A 171 4.59 -4.45 -9.61
N ASN A 172 4.83 -3.33 -8.94
CA ASN A 172 3.98 -2.17 -9.12
C ASN A 172 4.60 -1.10 -9.99
N VAL A 173 3.88 -0.01 -10.18
CA VAL A 173 4.37 1.09 -11.01
C VAL A 173 4.53 2.34 -10.13
N ILE A 174 5.17 3.35 -10.70
N ILE A 174 5.13 3.37 -10.69
CA ILE A 174 5.48 4.62 -10.03
CA ILE A 174 5.39 4.58 -9.94
C ILE A 174 4.73 5.79 -10.72
C ILE A 174 4.80 5.80 -10.68
N LEU A 175 4.12 6.64 -9.90
CA LEU A 175 3.69 7.98 -10.33
C LEU A 175 4.66 8.96 -9.62
N ASP A 176 5.32 9.81 -10.39
CA ASP A 176 6.09 10.88 -9.80
C ASP A 176 5.23 12.10 -9.79
N VAL A 177 5.11 12.72 -8.61
CA VAL A 177 4.19 13.83 -8.46
C VAL A 177 4.97 15.14 -8.48
N TYR A 178 4.71 15.93 -9.53
CA TYR A 178 5.35 17.21 -9.78
C TYR A 178 4.50 18.30 -9.21
N ASN A 179 5.13 19.44 -8.95
CA ASN A 179 4.42 20.66 -8.68
C ASN A 179 3.48 20.58 -7.46
N LEU A 180 3.89 19.80 -6.47
CA LEU A 180 3.16 19.67 -5.23
C LEU A 180 3.97 20.26 -4.09
N LYS A 181 3.46 21.32 -3.50
CA LYS A 181 4.07 21.86 -2.29
C LYS A 181 3.93 20.93 -1.12
N ILE A 182 4.96 20.89 -0.31
CA ILE A 182 4.89 20.09 0.89
C ILE A 182 5.08 21.00 2.09
N ASP A 183 4.00 21.67 2.47
CA ASP A 183 4.07 22.58 3.63
C ASP A 183 4.23 21.80 4.96
N ASN A 184 3.59 20.65 5.00
CA ASN A 184 3.55 19.90 6.22
C ASN A 184 3.80 18.42 5.91
N PRO A 185 5.09 18.02 5.91
CA PRO A 185 5.41 16.70 5.43
C PRO A 185 4.72 15.56 6.18
N LEU A 186 4.65 15.59 7.50
CA LEU A 186 3.98 14.49 8.18
C LEU A 186 2.48 14.40 7.79
N LYS A 187 1.80 15.54 7.62
CA LYS A 187 0.38 15.52 7.28
C LYS A 187 0.22 14.98 5.86
N LEU A 188 1.07 15.43 4.95
CA LEU A 188 0.94 15.00 3.55
C LEU A 188 1.27 13.52 3.41
N GLU A 189 2.29 13.04 4.12
CA GLU A 189 2.63 11.61 4.07
C GLU A 189 1.43 10.79 4.51
N THR A 190 0.77 11.26 5.58
CA THR A 190 -0.45 10.61 6.13
C THR A 190 -1.61 10.62 5.11
N GLU A 191 -1.82 11.78 4.47
CA GLU A 191 -2.91 11.95 3.49
C GLU A 191 -2.68 11.06 2.31
N LEU A 192 -1.46 11.00 1.80
CA LEU A 192 -1.23 10.11 0.63
C LEU A 192 -1.41 8.64 0.96
N ASN A 193 -1.08 8.23 2.21
CA ASN A 193 -1.29 6.86 2.69
C ASN A 193 -2.76 6.44 2.71
N GLN A 194 -3.65 7.43 2.72
CA GLN A 194 -5.09 7.21 2.77
C GLN A 194 -5.67 6.90 1.39
N ILE A 195 -4.91 7.20 0.33
CA ILE A 195 -5.43 6.99 -1.02
C ILE A 195 -5.37 5.53 -1.42
N THR A 196 -6.55 4.95 -1.74
CA THR A 196 -6.64 3.55 -2.07
C THR A 196 -5.82 3.19 -3.29
N GLY A 197 -5.00 2.15 -3.15
CA GLY A 197 -4.06 1.75 -4.17
C GLY A 197 -2.64 2.27 -4.01
N VAL A 198 -2.42 3.27 -3.13
CA VAL A 198 -1.10 3.72 -2.84
C VAL A 198 -0.42 2.67 -1.96
N VAL A 199 0.73 2.16 -2.39
CA VAL A 199 1.51 1.23 -1.59
C VAL A 199 2.39 2.00 -0.59
N THR A 200 3.29 2.84 -1.09
N THR A 200 3.16 2.93 -1.13
CA THR A 200 3.97 3.80 -0.23
CA THR A 200 4.07 3.75 -0.37
C THR A 200 4.28 5.06 -0.98
C THR A 200 4.17 5.10 -1.03
N ASN A 201 4.41 6.14 -0.25
CA ASN A 201 4.83 7.42 -0.84
C ASN A 201 6.24 7.78 -0.37
N GLY A 202 6.92 8.61 -1.13
CA GLY A 202 8.34 8.88 -0.91
C GLY A 202 8.67 9.88 0.18
N ILE A 203 7.69 10.37 0.93
CA ILE A 203 8.01 11.22 2.11
C ILE A 203 8.37 10.32 3.27
N PHE A 204 9.57 10.51 3.83
CA PHE A 204 10.00 9.77 5.00
C PHE A 204 10.09 10.83 6.13
N ALA A 205 8.96 11.06 6.80
CA ALA A 205 8.85 12.10 7.86
C ALA A 205 8.20 11.58 9.11
N LEU A 206 7.20 10.70 9.00
CA LEU A 206 6.56 10.10 10.17
C LEU A 206 7.58 9.33 11.01
N LYS A 207 8.54 8.73 10.32
CA LYS A 207 9.75 8.15 10.88
C LYS A 207 10.98 8.68 10.14
N PRO A 208 11.56 9.76 10.65
CA PRO A 208 12.60 10.44 9.92
C PRO A 208 13.95 9.75 10.13
N ALA A 209 14.98 10.21 9.49
CA ALA A 209 16.31 9.66 9.76
C ALA A 209 16.75 10.00 11.19
N ASP A 210 17.48 9.10 11.82
CA ASP A 210 18.06 9.44 13.12
C ASP A 210 19.32 10.29 13.02
N THR A 211 20.13 10.03 12.03
CA THR A 211 21.39 10.72 11.79
C THR A 211 21.50 10.94 10.29
N VAL A 212 21.97 12.14 9.89
CA VAL A 212 22.28 12.42 8.50
C VAL A 212 23.74 12.76 8.39
N ILE A 213 24.44 12.02 7.55
CA ILE A 213 25.83 12.31 7.25
C ILE A 213 25.91 12.94 5.86
N MET A 214 26.36 14.19 5.83
CA MET A 214 26.42 14.94 4.59
C MET A 214 27.86 15.33 4.20
N ALA A 215 28.23 14.96 3.00
CA ALA A 215 29.56 15.35 2.48
C ALA A 215 29.43 16.66 1.73
N THR A 216 30.30 17.63 2.04
CA THR A 216 30.21 18.95 1.44
C THR A 216 31.43 19.19 0.56
N LYS A 217 31.35 20.23 -0.27
CA LYS A 217 32.32 20.44 -1.37
C LYS A 217 33.76 20.52 -0.90
N ASP A 218 34.00 21.16 0.24
CA ASP A 218 35.35 21.18 0.76
C ASP A 218 35.84 19.75 0.95
N SER A 219 35.02 18.79 0.57
CA SER A 219 35.28 17.41 0.93
C SER A 219 35.32 17.27 2.46
N ASN A 220 34.47 18.02 3.16
CA ASN A 220 34.29 17.84 4.59
C ASN A 220 33.01 17.09 4.89
N ILE A 221 32.88 16.66 6.13
CA ILE A 221 31.67 16.01 6.59
C ILE A 221 30.88 16.97 7.46
N VAL A 222 29.57 16.94 7.33
CA VAL A 222 28.68 17.58 8.27
C VAL A 222 27.70 16.53 8.79
N VAL A 223 27.60 16.41 10.10
CA VAL A 223 26.60 15.56 10.73
C VAL A 223 25.44 16.41 11.19
N LEU A 224 24.25 15.95 10.80
CA LEU A 224 23.01 16.40 11.39
C LEU A 224 22.35 15.35 12.33
N ASP B 10 -31.58 -18.15 -1.67
CA ASP B 10 -31.45 -18.34 -3.15
C ASP B 10 -32.52 -17.51 -3.87
N GLU B 11 -33.78 -17.87 -3.66
CA GLU B 11 -34.88 -16.99 -4.03
C GLU B 11 -34.67 -15.63 -3.33
N LEU B 12 -34.16 -15.70 -2.11
CA LEU B 12 -33.81 -14.49 -1.35
C LEU B 12 -32.66 -13.73 -2.04
N LYS B 13 -31.63 -14.47 -2.44
CA LYS B 13 -30.53 -13.81 -3.13
C LYS B 13 -31.02 -13.13 -4.41
N LYS B 14 -31.86 -13.80 -5.18
CA LYS B 14 -32.30 -13.22 -6.45
C LYS B 14 -33.09 -11.94 -6.18
N LEU B 15 -33.83 -11.95 -5.07
CA LEU B 15 -34.64 -10.79 -4.69
C LEU B 15 -33.73 -9.59 -4.32
N ALA B 16 -32.70 -9.84 -3.49
CA ALA B 16 -31.79 -8.75 -3.07
C ALA B 16 -30.98 -8.20 -4.25
N ALA B 17 -30.55 -9.12 -5.11
CA ALA B 17 -29.81 -8.76 -6.32
C ALA B 17 -30.72 -8.01 -7.28
N THR B 18 -31.99 -8.42 -7.39
CA THR B 18 -32.91 -7.74 -8.26
C THR B 18 -33.18 -6.35 -7.74
N GLU B 19 -33.24 -6.20 -6.42
CA GLU B 19 -33.44 -4.90 -5.88
C GLU B 19 -32.24 -4.05 -6.28
N ALA B 20 -31.02 -4.59 -6.13
CA ALA B 20 -29.86 -3.80 -6.42
C ALA B 20 -29.81 -3.38 -7.88
N ALA B 21 -30.12 -4.30 -8.77
CA ALA B 21 -30.10 -4.03 -10.20
C ALA B 21 -31.02 -2.87 -10.60
N LYS B 22 -32.08 -2.64 -9.83
CA LYS B 22 -33.05 -1.62 -10.16
C LYS B 22 -32.43 -0.26 -10.09
N SER B 23 -31.25 -0.19 -9.48
CA SER B 23 -30.53 1.08 -9.41
C SER B 23 -29.86 1.45 -10.72
N ILE B 24 -29.85 0.52 -11.65
CA ILE B 24 -29.29 0.76 -12.97
C ILE B 24 -30.37 1.36 -13.86
N THR B 25 -30.47 2.67 -13.85
CA THR B 25 -31.57 3.37 -14.49
C THR B 25 -31.17 4.16 -15.75
N THR B 26 -29.86 4.35 -15.91
CA THR B 26 -29.31 5.13 -17.02
C THR B 26 -28.04 4.45 -17.53
N GLU B 27 -27.52 4.90 -18.66
CA GLU B 27 -26.30 4.33 -19.23
C GLU B 27 -25.15 4.59 -18.29
N ILE B 28 -24.50 3.53 -17.87
CA ILE B 28 -23.49 3.66 -16.84
C ILE B 28 -22.27 2.76 -17.11
N THR B 29 -21.18 3.11 -16.43
CA THR B 29 -20.08 2.22 -16.20
C THR B 29 -20.37 1.49 -14.88
N LEU B 30 -20.62 0.20 -14.99
CA LEU B 30 -20.96 -0.64 -13.85
C LEU B 30 -19.74 -1.39 -13.34
N GLY B 31 -19.60 -1.44 -12.04
CA GLY B 31 -18.59 -2.24 -11.42
C GLY B 31 -19.23 -3.37 -10.63
N VAL B 32 -18.63 -4.52 -10.76
CA VAL B 32 -19.16 -5.71 -10.20
C VAL B 32 -18.22 -6.35 -9.21
N GLY B 33 -18.73 -6.71 -8.03
CA GLY B 33 -17.94 -7.37 -7.08
C GLY B 33 -17.82 -8.85 -7.20
N THR B 34 -17.69 -9.47 -6.04
CA THR B 34 -17.32 -10.84 -6.01
C THR B 34 -18.15 -11.54 -4.97
N GLY B 35 -18.44 -12.81 -5.17
CA GLY B 35 -19.15 -13.56 -4.12
C GLY B 35 -20.44 -14.15 -4.60
N SER B 36 -21.21 -14.74 -3.69
CA SER B 36 -22.36 -15.59 -4.06
C SER B 36 -23.64 -14.79 -4.39
N THR B 37 -23.96 -13.77 -3.61
CA THR B 37 -25.13 -12.95 -3.97
C THR B 37 -24.84 -12.13 -5.26
N VAL B 38 -23.62 -11.66 -5.43
CA VAL B 38 -23.24 -11.01 -6.70
C VAL B 38 -23.48 -11.93 -7.91
N GLY B 39 -23.37 -13.24 -7.72
CA GLY B 39 -23.66 -14.20 -8.78
C GLY B 39 -25.04 -14.05 -9.39
N PHE B 40 -26.01 -13.81 -8.50
CA PHE B 40 -27.38 -13.59 -8.89
C PHE B 40 -27.56 -12.24 -9.58
N LEU B 41 -26.86 -11.22 -9.08
CA LEU B 41 -26.87 -9.95 -9.74
C LEU B 41 -26.42 -10.05 -11.19
N ILE B 42 -25.35 -10.81 -11.42
CA ILE B 42 -24.76 -10.91 -12.72
C ILE B 42 -25.74 -11.57 -13.69
N GLU B 43 -26.50 -12.57 -13.23
CA GLU B 43 -27.50 -13.20 -14.08
C GLU B 43 -28.59 -12.20 -14.45
N GLU B 44 -28.94 -11.37 -13.48
CA GLU B 44 -30.01 -10.39 -13.65
C GLU B 44 -29.60 -9.26 -14.63
N LEU B 45 -28.31 -9.14 -14.92
CA LEU B 45 -27.82 -8.02 -15.71
C LEU B 45 -28.25 -8.12 -17.19
N VAL B 46 -28.66 -9.31 -17.60
CA VAL B 46 -29.12 -9.50 -18.98
C VAL B 46 -30.35 -8.62 -19.22
N ASN B 47 -31.04 -8.25 -18.13
CA ASN B 47 -32.22 -7.40 -18.25
C ASN B 47 -31.89 -5.91 -18.28
N TYR B 48 -30.60 -5.58 -18.20
CA TYR B 48 -30.17 -4.19 -18.17
C TYR B 48 -29.09 -3.92 -19.18
N ARG B 49 -28.97 -4.81 -20.15
CA ARG B 49 -27.83 -4.75 -21.08
C ARG B 49 -27.76 -3.41 -21.81
N ASP B 50 -28.90 -2.83 -22.16
CA ASP B 50 -28.90 -1.58 -22.92
C ASP B 50 -28.40 -0.40 -22.09
N LYS B 51 -28.28 -0.58 -20.78
CA LYS B 51 -27.83 0.52 -19.93
C LYS B 51 -26.39 0.33 -19.43
N ILE B 52 -25.83 -0.85 -19.70
CA ILE B 52 -24.48 -1.19 -19.22
C ILE B 52 -23.48 -0.91 -20.34
N LYS B 53 -22.89 0.27 -20.28
CA LYS B 53 -22.00 0.74 -21.35
C LYS B 53 -20.69 0.02 -21.23
N THR B 54 -20.19 -0.03 -20.01
CA THR B 54 -18.87 -0.57 -19.70
C THR B 54 -19.00 -1.38 -18.40
N VAL B 55 -18.33 -2.54 -18.32
CA VAL B 55 -18.27 -3.28 -17.04
C VAL B 55 -16.84 -3.44 -16.53
N VAL B 56 -16.63 -3.08 -15.26
CA VAL B 56 -15.40 -3.38 -14.54
C VAL B 56 -15.69 -4.47 -13.50
N SER B 57 -14.77 -5.40 -13.37
CA SER B 57 -14.89 -6.45 -12.38
C SER B 57 -13.77 -6.49 -11.38
N SER B 58 -14.09 -6.75 -10.13
CA SER B 58 -13.11 -6.88 -9.12
C SER B 58 -12.63 -8.31 -8.92
N SER B 59 -12.99 -9.26 -9.77
CA SER B 59 -12.50 -10.60 -9.56
C SER B 59 -12.64 -11.50 -10.76
N GLU B 60 -11.75 -12.47 -10.81
CA GLU B 60 -11.69 -13.42 -11.89
C GLU B 60 -12.98 -14.23 -12.05
N ASP B 61 -13.57 -14.66 -10.95
CA ASP B 61 -14.79 -15.46 -10.97
C ASP B 61 -15.93 -14.66 -11.63
N SER B 62 -16.09 -13.44 -11.17
CA SER B 62 -17.13 -12.61 -11.70
C SER B 62 -16.88 -12.34 -13.19
N THR B 63 -15.62 -12.10 -13.55
CA THR B 63 -15.28 -11.83 -14.93
C THR B 63 -15.66 -13.04 -15.79
N ARG B 64 -15.36 -14.24 -15.33
CA ARG B 64 -15.71 -15.43 -16.10
C ARG B 64 -17.23 -15.48 -16.31
N LYS B 65 -17.97 -15.25 -15.24
CA LYS B 65 -19.41 -15.28 -15.30
C LYS B 65 -19.98 -14.18 -16.21
N LEU B 66 -19.41 -12.99 -16.15
CA LEU B 66 -19.88 -11.92 -17.02
C LEU B 66 -19.59 -12.22 -18.49
N LYS B 67 -18.39 -12.72 -18.78
CA LYS B 67 -18.01 -13.06 -20.15
C LYS B 67 -18.93 -14.14 -20.73
N ALA B 68 -19.36 -15.06 -19.88
CA ALA B 68 -20.28 -16.13 -20.30
C ALA B 68 -21.64 -15.60 -20.76
N LEU B 69 -22.01 -14.43 -20.28
CA LEU B 69 -23.28 -13.83 -20.62
C LEU B 69 -23.11 -12.80 -21.72
N GLY B 70 -21.91 -12.71 -22.26
CA GLY B 70 -21.65 -11.79 -23.37
C GLY B 70 -21.14 -10.41 -22.97
N PHE B 71 -20.90 -10.16 -21.68
CA PHE B 71 -20.39 -8.86 -21.31
C PHE B 71 -18.87 -8.72 -21.57
N ASP B 72 -18.47 -7.60 -22.11
CA ASP B 72 -17.05 -7.28 -22.28
C ASP B 72 -16.62 -6.66 -20.92
N VAL B 73 -15.53 -7.13 -20.37
CA VAL B 73 -15.06 -6.59 -19.07
C VAL B 73 -13.83 -5.79 -19.37
N VAL B 74 -13.73 -4.58 -18.82
CA VAL B 74 -12.62 -3.70 -19.15
C VAL B 74 -11.83 -3.38 -17.89
N ASP B 75 -10.54 -3.10 -18.07
CA ASP B 75 -9.65 -2.69 -16.99
C ASP B 75 -10.07 -1.32 -16.48
N LEU B 76 -9.96 -1.12 -15.17
CA LEU B 76 -10.36 0.15 -14.58
C LEU B 76 -9.65 1.35 -15.16
N ASN B 77 -8.36 1.22 -15.50
CA ASN B 77 -7.66 2.35 -16.08
C ASN B 77 -8.26 2.80 -17.41
N TYR B 78 -8.81 1.85 -18.16
CA TYR B 78 -9.46 2.19 -19.43
C TYR B 78 -10.88 2.70 -19.21
N ALA B 79 -11.57 2.19 -18.19
CA ALA B 79 -12.96 2.58 -17.94
C ALA B 79 -13.13 3.98 -17.38
N GLY B 80 -12.16 4.42 -16.59
CA GLY B 80 -12.31 5.68 -15.90
C GLY B 80 -13.14 5.49 -14.64
N GLU B 81 -14.04 6.41 -14.37
CA GLU B 81 -14.78 6.42 -13.14
C GLU B 81 -15.89 5.37 -13.23
N ILE B 82 -16.15 4.67 -12.13
CA ILE B 82 -17.30 3.77 -12.04
C ILE B 82 -18.51 4.58 -11.55
N ASP B 83 -19.64 4.48 -12.25
CA ASP B 83 -20.88 5.12 -11.81
C ASP B 83 -21.52 4.38 -10.64
N LEU B 84 -21.57 3.05 -10.75
CA LEU B 84 -22.24 2.22 -9.76
C LEU B 84 -21.44 0.92 -9.57
N TYR B 85 -21.07 0.66 -8.31
CA TYR B 85 -20.37 -0.57 -7.91
C TYR B 85 -21.28 -1.35 -6.96
N ILE B 86 -21.50 -2.63 -7.27
CA ILE B 86 -22.37 -3.45 -6.46
C ILE B 86 -21.57 -4.66 -5.97
N ASP B 87 -21.60 -4.94 -4.66
CA ASP B 87 -20.80 -6.00 -4.07
C ASP B 87 -21.41 -6.41 -2.74
N GLY B 88 -20.96 -7.54 -2.24
CA GLY B 88 -21.32 -8.04 -0.92
C GLY B 88 -20.38 -7.52 0.16
N ALA B 89 -20.50 -8.08 1.35
CA ALA B 89 -19.60 -7.77 2.44
C ALA B 89 -19.62 -8.91 3.43
N ASP B 90 -18.61 -8.93 4.32
CA ASP B 90 -18.56 -9.93 5.34
C ASP B 90 -19.26 -9.49 6.62
N GLU B 91 -19.21 -8.18 6.91
CA GLU B 91 -19.89 -7.56 8.06
C GLU B 91 -20.28 -6.12 7.72
N CYS B 92 -21.40 -5.66 8.28
CA CYS B 92 -21.87 -4.27 8.14
C CYS B 92 -22.39 -3.79 9.46
N ASN B 93 -22.02 -2.59 9.88
CA ASN B 93 -22.48 -2.06 11.15
C ASN B 93 -23.66 -1.13 10.94
N ASN B 94 -24.00 -0.29 11.93
CA ASN B 94 -25.19 0.56 11.84
C ASN B 94 -24.97 1.85 11.04
N HIS B 95 -23.74 2.08 10.59
N HIS B 95 -23.75 2.04 10.56
CA HIS B 95 -23.39 3.26 9.81
CA HIS B 95 -23.36 3.23 9.85
C HIS B 95 -22.83 2.92 8.43
C HIS B 95 -22.81 2.91 8.45
N LYS B 96 -23.24 1.77 7.90
CA LYS B 96 -22.87 1.34 6.54
C LYS B 96 -21.34 1.17 6.36
N GLU B 97 -20.65 0.95 7.47
CA GLU B 97 -19.23 0.65 7.46
C GLU B 97 -19.07 -0.87 7.46
N LEU B 98 -18.10 -1.37 6.71
CA LEU B 98 -18.01 -2.77 6.42
C LEU B 98 -16.68 -3.39 6.75
N ILE B 99 -16.69 -4.71 6.88
CA ILE B 99 -15.48 -5.51 6.72
C ILE B 99 -15.67 -6.32 5.44
N LYS B 100 -14.67 -6.25 4.59
CA LYS B 100 -14.66 -6.99 3.29
C LYS B 100 -13.30 -7.62 3.08
N GLY B 101 -13.19 -8.49 2.07
CA GLY B 101 -11.88 -9.08 1.75
C GLY B 101 -11.70 -10.50 2.26
N GLY B 102 -12.71 -11.04 2.93
CA GLY B 102 -12.59 -12.38 3.50
C GLY B 102 -12.36 -13.40 2.40
N GLY B 103 -12.88 -13.10 1.22
CA GLY B 103 -12.64 -13.96 0.07
C GLY B 103 -11.48 -13.46 -0.76
N ALA B 104 -11.66 -13.47 -2.06
CA ALA B 104 -10.62 -13.01 -2.91
C ALA B 104 -10.75 -11.49 -3.05
N ALA B 105 -9.67 -10.90 -3.50
CA ALA B 105 -9.74 -9.67 -4.18
C ALA B 105 -9.97 -8.45 -3.31
N LEU B 106 -9.50 -8.44 -2.05
CA LEU B 106 -9.64 -7.29 -1.18
C LEU B 106 -9.20 -6.00 -1.86
N THR B 107 -8.00 -6.02 -2.42
CA THR B 107 -7.45 -4.79 -3.00
C THR B 107 -8.19 -4.30 -4.24
N ARG B 108 -8.55 -5.23 -5.12
CA ARG B 108 -9.31 -4.86 -6.28
C ARG B 108 -10.71 -4.31 -5.90
N GLU B 109 -11.34 -4.96 -4.93
CA GLU B 109 -12.65 -4.50 -4.46
C GLU B 109 -12.56 -3.07 -3.86
N LYS B 110 -11.52 -2.83 -3.09
CA LYS B 110 -11.41 -1.54 -2.44
C LYS B 110 -11.12 -0.43 -3.44
N ILE B 111 -10.27 -0.71 -4.42
CA ILE B 111 -10.04 0.24 -5.50
C ILE B 111 -11.31 0.56 -6.28
N CYS B 112 -12.08 -0.47 -6.59
CA CYS B 112 -13.32 -0.29 -7.31
C CYS B 112 -14.29 0.59 -6.52
N VAL B 113 -14.44 0.32 -5.22
CA VAL B 113 -15.25 1.21 -4.38
C VAL B 113 -14.71 2.63 -4.35
N ALA B 114 -13.39 2.77 -4.31
CA ALA B 114 -12.79 4.10 -4.27
C ALA B 114 -13.16 4.89 -5.54
N ALA B 115 -13.17 4.19 -6.69
CA ALA B 115 -13.38 4.83 -7.98
C ALA B 115 -14.85 4.97 -8.36
N ALA B 116 -15.74 4.48 -7.49
CA ALA B 116 -17.18 4.48 -7.70
C ALA B 116 -17.92 5.71 -7.16
N LYS B 117 -18.78 6.28 -7.99
CA LYS B 117 -19.63 7.38 -7.55
C LYS B 117 -20.64 6.91 -6.52
N LYS B 118 -21.15 5.68 -6.69
CA LYS B 118 -22.13 5.07 -5.79
C LYS B 118 -21.77 3.59 -5.59
N PHE B 119 -21.75 3.20 -4.32
CA PHE B 119 -21.53 1.82 -3.91
C PHE B 119 -22.73 1.25 -3.17
N ILE B 120 -23.33 0.22 -3.76
CA ILE B 120 -24.40 -0.52 -3.16
C ILE B 120 -23.84 -1.85 -2.67
N CYS B 121 -24.08 -2.11 -1.39
CA CYS B 121 -23.64 -3.32 -0.74
C CYS B 121 -24.85 -4.20 -0.43
N ILE B 122 -24.77 -5.45 -0.87
CA ILE B 122 -25.84 -6.41 -0.56
C ILE B 122 -25.42 -7.42 0.51
N ILE B 123 -26.26 -7.57 1.54
CA ILE B 123 -25.98 -8.48 2.65
C ILE B 123 -27.23 -9.21 3.09
N ASP B 124 -27.04 -10.26 3.87
CA ASP B 124 -28.15 -10.79 4.63
C ASP B 124 -27.96 -10.38 6.08
N GLU B 125 -29.03 -10.50 6.85
CA GLU B 125 -29.12 -9.96 8.18
C GLU B 125 -28.10 -10.55 9.13
N SER B 126 -27.54 -11.70 8.78
CA SER B 126 -26.61 -12.40 9.68
C SER B 126 -25.30 -11.62 9.77
N LYS B 127 -25.08 -10.80 8.77
CA LYS B 127 -23.83 -10.04 8.64
C LYS B 127 -23.94 -8.67 9.20
N LYS B 128 -25.13 -8.35 9.68
N LYS B 128 -25.11 -8.36 9.73
CA LYS B 128 -25.41 -7.06 10.25
CA LYS B 128 -25.38 -7.03 10.22
C LYS B 128 -24.97 -7.15 11.71
C LYS B 128 -25.14 -7.01 11.74
N VAL B 129 -24.19 -6.19 12.18
CA VAL B 129 -23.73 -6.20 13.57
C VAL B 129 -23.78 -4.76 14.11
N ASN B 130 -23.67 -4.61 15.41
N ASN B 130 -23.69 -4.64 15.43
CA ASN B 130 -23.62 -3.27 15.99
CA ASN B 130 -23.60 -3.33 16.05
C ASN B 130 -22.19 -2.77 16.13
C ASN B 130 -22.18 -2.82 15.91
N THR B 131 -21.25 -3.69 16.26
CA THR B 131 -19.83 -3.35 16.25
C THR B 131 -19.06 -4.33 15.37
N LEU B 132 -18.23 -3.80 14.48
CA LEU B 132 -17.39 -4.61 13.57
C LEU B 132 -16.29 -5.31 14.38
N GLY B 133 -15.91 -6.48 13.92
CA GLY B 133 -14.69 -7.18 14.39
C GLY B 133 -14.78 -8.67 14.65
N ASN B 134 -15.98 -9.22 14.79
CA ASN B 134 -16.09 -10.63 15.02
C ASN B 134 -15.53 -11.40 13.83
N PHE B 135 -15.90 -10.94 12.65
CA PHE B 135 -15.31 -11.49 11.41
C PHE B 135 -13.89 -10.95 11.27
N PRO B 136 -12.92 -11.84 10.99
CA PRO B 136 -11.54 -11.39 11.02
C PRO B 136 -11.27 -10.35 9.90
N LEU B 137 -10.50 -9.34 10.22
CA LEU B 137 -10.19 -8.26 9.33
C LEU B 137 -9.02 -8.64 8.44
N PRO B 138 -9.23 -8.71 7.13
CA PRO B 138 -8.10 -9.00 6.25
C PRO B 138 -7.23 -7.77 6.00
N ILE B 139 -5.91 -8.00 5.93
CA ILE B 139 -4.96 -6.94 5.60
C ILE B 139 -3.98 -7.52 4.59
N GLU B 140 -3.90 -6.91 3.41
CA GLU B 140 -2.91 -7.28 2.38
C GLU B 140 -1.61 -6.55 2.64
N VAL B 141 -0.51 -7.30 2.65
CA VAL B 141 0.78 -6.79 3.05
C VAL B 141 1.90 -7.18 2.07
N ILE B 142 2.84 -6.27 1.91
CA ILE B 142 4.05 -6.59 1.19
C ILE B 142 4.77 -7.73 1.93
N PRO B 143 5.13 -8.81 1.19
CA PRO B 143 5.64 -10.01 1.94
C PRO B 143 6.84 -9.74 2.88
N MET B 144 7.78 -8.92 2.44
CA MET B 144 8.95 -8.59 3.25
C MET B 144 8.55 -7.95 4.58
N ALA B 145 7.37 -7.31 4.64
CA ALA B 145 6.96 -6.61 5.88
C ALA B 145 6.04 -7.41 6.78
N ARG B 146 5.71 -8.64 6.36
CA ARG B 146 4.70 -9.40 7.05
C ARG B 146 4.90 -9.47 8.56
N SER B 147 6.09 -9.86 8.99
N SER B 147 6.08 -9.85 9.03
CA SER B 147 6.32 -10.06 10.41
CA SER B 147 6.22 -10.03 10.50
C SER B 147 6.32 -8.71 11.15
C SER B 147 6.39 -8.69 11.23
N TYR B 148 6.95 -7.71 10.55
CA TYR B 148 6.97 -6.34 11.11
C TYR B 148 5.53 -5.88 11.37
N ILE B 149 4.68 -6.06 10.37
CA ILE B 149 3.28 -5.60 10.48
C ILE B 149 2.50 -6.39 11.52
N ALA B 150 2.73 -7.71 11.56
CA ALA B 150 2.08 -8.53 12.56
C ALA B 150 2.40 -8.01 13.98
N ARG B 151 3.67 -7.63 14.19
CA ARG B 151 4.06 -7.04 15.47
C ARG B 151 3.32 -5.73 15.76
N GLN B 152 3.12 -4.89 14.77
CA GLN B 152 2.39 -3.64 15.02
C GLN B 152 0.91 -3.88 15.28
N ILE B 153 0.36 -4.89 14.61
N ILE B 153 0.34 -4.89 14.62
CA ILE B 153 -1.01 -5.26 14.85
CA ILE B 153 -1.06 -5.26 14.88
C ILE B 153 -1.27 -5.74 16.29
C ILE B 153 -1.27 -5.72 16.33
N VAL B 154 -0.33 -6.51 16.83
CA VAL B 154 -0.39 -6.93 18.23
C VAL B 154 -0.46 -5.73 19.17
N LYS B 155 0.28 -4.69 18.87
CA LYS B 155 0.28 -3.47 19.71
C LYS B 155 -1.10 -2.78 19.71
N LEU B 156 -1.89 -3.04 18.67
CA LEU B 156 -3.26 -2.51 18.56
C LEU B 156 -4.28 -3.42 19.20
N GLY B 157 -3.82 -4.57 19.64
CA GLY B 157 -4.69 -5.51 20.31
C GLY B 157 -5.24 -6.62 19.44
N GLY B 158 -4.74 -6.71 18.22
CA GLY B 158 -5.22 -7.69 17.27
C GLY B 158 -4.36 -8.93 17.23
N GLN B 159 -5.01 -10.05 16.86
CA GLN B 159 -4.32 -11.31 16.67
C GLN B 159 -4.16 -11.59 15.16
N PRO B 160 -2.98 -11.34 14.63
CA PRO B 160 -2.78 -11.56 13.21
C PRO B 160 -2.47 -13.03 12.90
N VAL B 161 -3.09 -13.54 11.86
CA VAL B 161 -2.93 -14.92 11.39
C VAL B 161 -2.69 -14.91 9.88
N TYR B 162 -1.49 -15.32 9.49
CA TYR B 162 -1.13 -15.37 8.08
C TYR B 162 -2.03 -16.35 7.36
N ARG B 163 -2.58 -15.94 6.22
CA ARG B 163 -3.50 -16.79 5.43
C ARG B 163 -2.69 -17.68 4.51
N GLU B 164 -2.64 -18.97 4.85
CA GLU B 164 -1.78 -19.90 4.15
C GLU B 164 -2.11 -20.08 2.68
N GLN B 165 -1.10 -20.35 1.89
CA GLN B 165 -1.25 -20.69 0.48
C GLN B 165 -2.11 -19.70 -0.31
N THR B 166 -1.99 -18.44 0.03
CA THR B 166 -2.71 -17.39 -0.64
C THR B 166 -1.74 -16.31 -1.07
N ILE B 167 -1.69 -16.08 -2.36
CA ILE B 167 -0.92 -14.96 -2.91
C ILE B 167 -1.91 -14.15 -3.69
N THR B 168 -1.91 -12.84 -3.47
CA THR B 168 -2.90 -12.00 -4.12
C THR B 168 -2.53 -11.69 -5.57
N ASP B 169 -3.45 -11.02 -6.27
CA ASP B 169 -3.23 -10.60 -7.64
C ASP B 169 -1.95 -9.78 -7.79
N ASN B 170 -1.59 -9.02 -6.76
CA ASN B 170 -0.43 -8.13 -6.87
C ASN B 170 0.80 -8.68 -6.13
N GLY B 171 0.77 -9.98 -5.85
CA GLY B 171 1.95 -10.68 -5.33
C GLY B 171 2.15 -10.50 -3.84
N ASN B 172 1.08 -10.18 -3.13
CA ASN B 172 1.20 -9.92 -1.69
C ASN B 172 0.59 -11.07 -0.89
N VAL B 173 0.74 -11.01 0.42
CA VAL B 173 0.12 -11.99 1.30
C VAL B 173 -0.94 -11.31 2.18
N ILE B 174 -1.74 -12.12 2.86
CA ILE B 174 -2.81 -11.62 3.69
C ILE B 174 -2.63 -12.05 5.16
N LEU B 175 -2.77 -11.09 6.07
CA LEU B 175 -2.97 -11.36 7.48
C LEU B 175 -4.45 -11.15 7.83
N ASP B 176 -5.05 -12.16 8.47
CA ASP B 176 -6.42 -12.04 8.93
C ASP B 176 -6.31 -11.72 10.43
N VAL B 177 -6.97 -10.64 10.83
CA VAL B 177 -6.85 -10.12 12.18
C VAL B 177 -8.08 -10.36 13.05
N TYR B 178 -7.87 -11.12 14.12
CA TYR B 178 -8.91 -11.53 15.01
C TYR B 178 -8.90 -10.71 16.29
N ASN B 179 -10.02 -10.76 17.02
CA ASN B 179 -10.07 -10.24 18.41
C ASN B 179 -10.14 -8.72 18.52
N LEU B 180 -10.39 -8.01 17.42
CA LEU B 180 -10.58 -6.56 17.50
C LEU B 180 -12.05 -6.21 17.77
N LYS B 181 -12.27 -5.28 18.68
CA LYS B 181 -13.57 -4.62 18.83
C LYS B 181 -13.45 -3.25 18.14
N ILE B 182 -13.95 -3.19 16.93
CA ILE B 182 -13.71 -2.00 16.09
C ILE B 182 -14.82 -0.98 16.31
N ASP B 183 -14.78 -0.25 17.43
CA ASP B 183 -15.87 0.68 17.70
C ASP B 183 -15.66 1.97 16.93
N ASN B 184 -14.46 2.18 16.39
CA ASN B 184 -14.20 3.35 15.56
C ASN B 184 -13.51 2.97 14.27
N PRO B 185 -14.30 2.42 13.33
CA PRO B 185 -13.75 1.92 12.10
C PRO B 185 -12.96 2.96 11.32
N LEU B 186 -13.43 4.21 11.27
CA LEU B 186 -12.69 5.22 10.55
C LEU B 186 -11.25 5.43 11.07
N LYS B 187 -11.11 5.47 12.37
CA LYS B 187 -9.83 5.72 12.98
C LYS B 187 -8.95 4.49 12.84
N LEU B 188 -9.50 3.29 12.98
CA LEU B 188 -8.65 2.10 12.87
C LEU B 188 -8.20 1.90 11.37
N GLU B 189 -9.11 2.21 10.46
CA GLU B 189 -8.80 2.11 9.04
C GLU B 189 -7.61 3.03 8.69
N THR B 190 -7.66 4.26 9.25
CA THR B 190 -6.61 5.25 9.05
C THR B 190 -5.30 4.74 9.64
N GLU B 191 -5.35 4.25 10.88
N GLU B 191 -5.34 4.23 10.87
CA GLU B 191 -4.16 3.77 11.56
CA GLU B 191 -4.11 3.82 11.53
C GLU B 191 -3.48 2.66 10.77
C GLU B 191 -3.45 2.61 10.83
N LEU B 192 -4.27 1.69 10.33
CA LEU B 192 -3.75 0.55 9.58
C LEU B 192 -3.12 1.00 8.25
N ASN B 193 -3.71 2.01 7.61
CA ASN B 193 -3.18 2.63 6.40
C ASN B 193 -1.76 3.20 6.58
N GLN B 194 -1.41 3.62 7.81
CA GLN B 194 -0.15 4.22 8.09
C GLN B 194 0.97 3.24 8.44
N ILE B 195 0.62 1.96 8.61
CA ILE B 195 1.62 0.97 8.92
C ILE B 195 2.40 0.67 7.64
N THR B 196 3.70 0.86 7.64
CA THR B 196 4.49 0.64 6.44
C THR B 196 4.44 -0.79 5.96
N GLY B 197 4.10 -0.96 4.69
CA GLY B 197 4.01 -2.26 4.11
C GLY B 197 2.59 -2.76 3.99
N VAL B 198 1.66 -2.10 4.66
CA VAL B 198 0.23 -2.39 4.44
C VAL B 198 -0.19 -1.85 3.09
N VAL B 199 -0.74 -2.71 2.25
CA VAL B 199 -1.26 -2.31 0.95
C VAL B 199 -2.71 -1.84 1.06
N THR B 200 -3.53 -2.70 1.66
N THR B 200 -3.59 -2.69 1.56
CA THR B 200 -4.95 -2.48 1.80
CA THR B 200 -4.94 -2.26 1.87
C THR B 200 -5.43 -3.14 3.11
C THR B 200 -5.46 -3.09 3.04
N ASN B 201 -6.40 -2.53 3.78
CA ASN B 201 -7.06 -3.24 4.85
C ASN B 201 -8.55 -3.34 4.54
N GLY B 202 -9.20 -4.33 5.15
CA GLY B 202 -10.57 -4.62 4.90
C GLY B 202 -11.66 -3.84 5.55
N ILE B 203 -11.31 -2.75 6.22
CA ILE B 203 -12.34 -1.87 6.76
C ILE B 203 -12.73 -0.90 5.68
N PHE B 204 -14.02 -0.87 5.34
CA PHE B 204 -14.53 0.10 4.34
C PHE B 204 -15.41 1.09 5.09
N ALA B 205 -14.76 2.13 5.63
CA ALA B 205 -15.41 3.10 6.49
C ALA B 205 -15.15 4.56 6.08
N LEU B 206 -13.93 4.85 5.66
CA LEU B 206 -13.61 6.19 5.14
C LEU B 206 -14.44 6.50 3.92
N LYS B 207 -14.67 5.46 3.11
CA LYS B 207 -15.66 5.47 2.05
C LYS B 207 -16.60 4.28 2.25
N PRO B 208 -17.69 4.51 2.97
CA PRO B 208 -18.61 3.46 3.36
C PRO B 208 -19.55 3.17 2.22
N ALA B 209 -20.39 2.17 2.39
CA ALA B 209 -21.43 1.93 1.38
C ALA B 209 -22.39 3.12 1.36
N ASP B 210 -22.87 3.48 0.18
CA ASP B 210 -23.91 4.51 0.07
C ASP B 210 -25.30 3.95 0.36
N THR B 211 -25.54 2.73 -0.07
CA THR B 211 -26.81 2.03 0.17
C THR B 211 -26.49 0.58 0.57
N VAL B 212 -27.22 0.05 1.53
CA VAL B 212 -27.09 -1.34 1.91
C VAL B 212 -28.45 -2.00 1.70
N ILE B 213 -28.48 -3.04 0.87
CA ILE B 213 -29.71 -3.79 0.70
C ILE B 213 -29.58 -5.06 1.50
N MET B 214 -30.50 -5.28 2.44
CA MET B 214 -30.33 -6.35 3.42
C MET B 214 -31.51 -7.31 3.29
N ALA B 215 -31.19 -8.58 3.13
CA ALA B 215 -32.22 -9.63 3.15
C ALA B 215 -32.46 -10.03 4.58
N THR B 216 -33.71 -9.96 5.04
CA THR B 216 -34.00 -10.20 6.46
C THR B 216 -34.25 -11.67 6.81
N LYS B 217 -34.30 -11.95 8.10
CA LYS B 217 -34.55 -13.31 8.54
C LYS B 217 -35.89 -13.83 7.98
N ASP B 218 -36.79 -12.92 7.64
CA ASP B 218 -38.13 -13.29 7.20
C ASP B 218 -38.21 -13.26 5.68
N SER B 219 -37.04 -13.26 5.07
CA SER B 219 -36.91 -13.33 3.64
C SER B 219 -37.53 -12.15 2.92
N ASN B 220 -37.47 -10.97 3.54
CA ASN B 220 -37.90 -9.73 2.87
C ASN B 220 -36.68 -8.83 2.66
N ILE B 221 -36.84 -7.74 1.91
CA ILE B 221 -35.70 -6.85 1.62
C ILE B 221 -35.92 -5.52 2.30
N VAL B 222 -34.92 -5.04 2.99
CA VAL B 222 -34.92 -3.70 3.58
C VAL B 222 -33.75 -2.93 3.00
N VAL B 223 -34.02 -1.71 2.55
CA VAL B 223 -33.00 -0.87 1.92
C VAL B 223 -32.58 0.21 2.88
N LEU B 224 -31.32 0.16 3.31
CA LEU B 224 -30.81 1.15 4.25
C LEU B 224 -29.91 2.23 3.61
#